data_1IPF
#
_entry.id   1IPF
#
_cell.length_a   88.600
_cell.length_b   88.600
_cell.length_c   337.200
_cell.angle_alpha   90.00
_cell.angle_beta   90.00
_cell.angle_gamma   120.00
#
_symmetry.space_group_name_H-M   'P 61 2 2'
#
loop_
_entity.id
_entity.type
_entity.pdbx_description
1 polymer 'TROPINONE REDUCTASE-II'
2 non-polymer 'NADPH DIHYDRO-NICOTINAMIDE-ADENINE-DINUCLEOTIDE PHOSPHATE'
3 non-polymer 8-METHYL-8-AZABICYCLO[3,2,1]OCTAN-3-ONE
4 water water
#
_entity_poly.entity_id   1
_entity_poly.type   'polypeptide(L)'
_entity_poly.pdbx_seq_one_letter_code
;AGRWNLEGCTALVTGGSRGIGYGIVEELASLGASVYTCSRNQKELNDCLTQWRSKGFKVEASVCDLSSRSERQELMNTVA
NHFHGKLNILVNNAGIVIYKEAKDYTVEDYSLIMSINFEAAYHLSVLAHPFLKASERGNVVFISSVSGALAVPYEAVYGA
TKGAMDQLTRCLAFEWAKDNIRVNGVGPGVIATSLVEMTIQDPEQKENLNKLIDRCALRRMGEPKELAAMVAFLCFPAAS
YVTGQIIYVDGGLMANCGF
;
_entity_poly.pdbx_strand_id   A,B
#
# COMPACT_ATOMS: atom_id res chain seq x y z
N ALA A 1 -20.43 5.49 -28.09
CA ALA A 1 -20.77 4.49 -27.03
C ALA A 1 -22.14 4.77 -26.42
N GLY A 2 -22.99 3.74 -26.38
CA GLY A 2 -24.31 3.89 -25.79
C GLY A 2 -24.13 3.73 -24.29
N ARG A 3 -25.23 3.71 -23.55
CA ARG A 3 -25.15 3.57 -22.10
C ARG A 3 -24.47 2.25 -21.69
N TRP A 4 -24.80 1.17 -22.40
CA TRP A 4 -24.27 -0.16 -22.09
C TRP A 4 -23.32 -0.83 -23.07
N ASN A 5 -22.50 -0.04 -23.75
CA ASN A 5 -21.54 -0.63 -24.68
C ASN A 5 -20.27 0.24 -24.78
N LEU A 6 -19.26 -0.23 -25.52
CA LEU A 6 -18.01 0.52 -25.64
C LEU A 6 -17.62 0.88 -27.05
N GLU A 7 -18.52 0.68 -28.01
CA GLU A 7 -18.22 0.99 -29.41
C GLU A 7 -17.64 2.39 -29.58
N GLY A 8 -16.47 2.47 -30.20
CA GLY A 8 -15.84 3.76 -30.41
C GLY A 8 -14.80 4.14 -29.37
N CYS A 9 -14.82 3.48 -28.22
CA CYS A 9 -13.86 3.76 -27.14
C CYS A 9 -12.53 3.05 -27.44
N THR A 10 -11.43 3.65 -27.00
CA THR A 10 -10.11 3.07 -27.22
C THR A 10 -9.56 2.73 -25.86
N ALA A 11 -8.73 1.69 -25.78
CA ALA A 11 -8.20 1.27 -24.49
C ALA A 11 -6.88 0.54 -24.53
N LEU A 12 -6.18 0.57 -23.41
CA LEU A 12 -4.91 -0.14 -23.25
C LEU A 12 -5.10 -1.06 -22.05
N VAL A 13 -4.72 -2.32 -22.21
CA VAL A 13 -4.85 -3.29 -21.15
C VAL A 13 -3.50 -3.99 -21.04
N THR A 14 -2.78 -3.73 -19.96
CA THR A 14 -1.48 -4.37 -19.80
C THR A 14 -1.62 -5.84 -19.42
N GLY A 15 -0.81 -6.68 -20.06
CA GLY A 15 -0.84 -8.11 -19.78
C GLY A 15 -2.09 -8.82 -20.28
N GLY A 16 -2.31 -8.80 -21.60
CA GLY A 16 -3.49 -9.43 -22.14
C GLY A 16 -3.29 -10.73 -22.90
N SER A 17 -2.12 -11.34 -22.78
CA SER A 17 -1.84 -12.60 -23.47
C SER A 17 -2.42 -13.79 -22.73
N ARG A 18 -2.58 -13.65 -21.42
CA ARG A 18 -3.15 -14.73 -20.60
C ARG A 18 -4.03 -14.21 -19.47
N GLY A 19 -4.64 -15.15 -18.76
CA GLY A 19 -5.50 -14.83 -17.63
C GLY A 19 -6.56 -13.73 -17.75
N ILE A 20 -6.81 -13.09 -16.61
CA ILE A 20 -7.76 -12.01 -16.46
C ILE A 20 -7.56 -10.97 -17.55
N GLY A 21 -6.30 -10.66 -17.85
CA GLY A 21 -6.00 -9.67 -18.88
C GLY A 21 -6.45 -10.11 -20.26
N TYR A 22 -6.17 -11.37 -20.60
CA TYR A 22 -6.61 -11.90 -21.87
C TYR A 22 -8.14 -11.78 -21.89
N GLY A 23 -8.75 -12.12 -20.76
CA GLY A 23 -10.20 -12.05 -20.64
C GLY A 23 -10.72 -10.65 -20.82
N ILE A 24 -10.01 -9.66 -20.28
CA ILE A 24 -10.47 -8.29 -20.40
C ILE A 24 -10.38 -7.78 -21.84
N VAL A 25 -9.32 -8.13 -22.56
CA VAL A 25 -9.22 -7.70 -23.96
C VAL A 25 -10.46 -8.19 -24.71
N GLU A 26 -10.75 -9.49 -24.61
CA GLU A 26 -11.90 -10.06 -25.29
C GLU A 26 -13.23 -9.38 -24.95
N GLU A 27 -13.43 -9.02 -23.70
CA GLU A 27 -14.68 -8.39 -23.29
C GLU A 27 -14.85 -6.95 -23.77
N LEU A 28 -13.83 -6.12 -23.58
CA LEU A 28 -13.91 -4.73 -24.02
C LEU A 28 -14.06 -4.65 -25.54
N ALA A 29 -13.26 -5.44 -26.26
CA ALA A 29 -13.30 -5.45 -27.72
C ALA A 29 -14.62 -6.02 -28.19
N SER A 30 -15.04 -7.09 -27.55
CA SER A 30 -16.31 -7.70 -27.91
C SER A 30 -17.39 -6.64 -27.80
N LEU A 31 -17.22 -5.71 -26.88
CA LEU A 31 -18.20 -4.65 -26.67
C LEU A 31 -17.97 -3.45 -27.57
N GLY A 32 -17.12 -3.62 -28.58
CA GLY A 32 -16.87 -2.55 -29.53
C GLY A 32 -15.70 -1.60 -29.32
N ALA A 33 -14.90 -1.82 -28.28
CA ALA A 33 -13.78 -0.91 -28.07
C ALA A 33 -12.57 -1.32 -28.90
N SER A 34 -11.66 -0.37 -29.09
CA SER A 34 -10.43 -0.61 -29.84
C SER A 34 -9.33 -0.79 -28.80
N VAL A 35 -8.82 -2.01 -28.66
CA VAL A 35 -7.79 -2.32 -27.68
C VAL A 35 -6.36 -2.36 -28.20
N TYR A 36 -5.44 -2.23 -27.25
CA TYR A 36 -3.99 -2.29 -27.48
C TYR A 36 -3.47 -3.00 -26.24
N THR A 37 -2.72 -4.08 -26.41
CA THR A 37 -2.19 -4.76 -25.24
C THR A 37 -0.70 -5.03 -25.32
N CYS A 38 -0.16 -5.58 -24.24
CA CYS A 38 1.25 -5.87 -24.16
C CYS A 38 1.53 -7.07 -23.28
N SER A 39 2.78 -7.50 -23.34
CA SER A 39 3.28 -8.64 -22.59
C SER A 39 4.77 -8.76 -22.94
N ARG A 40 5.48 -9.64 -22.25
CA ARG A 40 6.90 -9.79 -22.52
C ARG A 40 7.19 -10.90 -23.53
N ASN A 41 6.15 -11.62 -23.96
CA ASN A 41 6.31 -12.70 -24.94
C ASN A 41 5.64 -12.42 -26.27
N GLN A 42 6.40 -11.92 -27.24
CA GLN A 42 5.91 -11.60 -28.58
C GLN A 42 5.16 -12.72 -29.30
N LYS A 43 5.69 -13.95 -29.22
CA LYS A 43 5.05 -15.06 -29.90
C LYS A 43 3.66 -15.31 -29.35
N GLU A 44 3.49 -15.11 -28.06
CA GLU A 44 2.20 -15.32 -27.45
C GLU A 44 1.26 -14.25 -27.92
N LEU A 45 1.74 -13.01 -27.93
CA LEU A 45 0.91 -11.91 -28.38
C LEU A 45 0.42 -12.25 -29.77
N ASN A 46 1.33 -12.68 -30.64
CA ASN A 46 0.95 -13.00 -32.01
C ASN A 46 -0.13 -14.08 -32.12
N ASP A 47 -0.08 -15.10 -31.28
CA ASP A 47 -1.12 -16.14 -31.30
C ASP A 47 -2.45 -15.49 -30.91
N CYS A 48 -2.40 -14.61 -29.90
CA CYS A 48 -3.58 -13.89 -29.38
C CYS A 48 -4.17 -12.99 -30.45
N LEU A 49 -3.31 -12.19 -31.07
CA LEU A 49 -3.72 -11.26 -32.12
C LEU A 49 -4.44 -12.00 -33.22
N THR A 50 -3.96 -13.20 -33.51
CA THR A 50 -4.57 -14.02 -34.53
C THR A 50 -5.91 -14.55 -34.03
N GLN A 51 -5.99 -14.85 -32.74
CA GLN A 51 -7.21 -15.37 -32.14
C GLN A 51 -8.30 -14.31 -32.19
N TRP A 52 -8.01 -13.18 -31.56
CA TRP A 52 -8.93 -12.03 -31.50
C TRP A 52 -9.36 -11.47 -32.85
N ARG A 53 -8.42 -11.34 -33.78
CA ARG A 53 -8.75 -10.78 -35.09
C ARG A 53 -9.61 -11.73 -35.88
N SER A 54 -9.38 -13.01 -35.65
CA SER A 54 -10.12 -14.04 -36.34
C SER A 54 -11.60 -13.82 -36.08
N LYS A 55 -11.95 -13.45 -34.85
CA LYS A 55 -13.35 -13.21 -34.50
C LYS A 55 -13.82 -11.78 -34.73
N GLY A 56 -12.92 -10.96 -35.29
CA GLY A 56 -13.28 -9.59 -35.59
C GLY A 56 -12.98 -8.49 -34.59
N PHE A 57 -12.36 -8.81 -33.45
CA PHE A 57 -12.05 -7.77 -32.47
C PHE A 57 -11.03 -6.83 -33.06
N LYS A 58 -11.17 -5.54 -32.79
CA LYS A 58 -10.24 -4.52 -33.26
C LYS A 58 -9.17 -4.42 -32.18
N VAL A 59 -7.99 -4.95 -32.42
CA VAL A 59 -6.99 -4.87 -31.37
C VAL A 59 -5.57 -4.94 -31.90
N GLU A 60 -4.68 -4.26 -31.19
CA GLU A 60 -3.27 -4.21 -31.53
C GLU A 60 -2.44 -4.60 -30.32
N ALA A 61 -1.21 -5.05 -30.56
CA ALA A 61 -0.34 -5.47 -29.48
C ALA A 61 1.15 -5.32 -29.74
N SER A 62 1.85 -4.89 -28.71
CA SER A 62 3.29 -4.70 -28.77
C SER A 62 3.92 -5.32 -27.52
N VAL A 63 5.20 -5.61 -27.63
CA VAL A 63 5.94 -6.19 -26.52
C VAL A 63 6.47 -5.04 -25.65
N CYS A 64 6.42 -5.23 -24.34
CA CYS A 64 6.90 -4.22 -23.42
C CYS A 64 7.11 -4.86 -22.07
N ASP A 65 8.19 -4.51 -21.39
CA ASP A 65 8.44 -5.08 -20.08
C ASP A 65 8.16 -3.96 -19.06
N LEU A 66 7.01 -4.04 -18.44
CA LEU A 66 6.56 -3.04 -17.47
C LEU A 66 7.49 -2.78 -16.30
N SER A 67 8.47 -3.65 -16.11
CA SER A 67 9.37 -3.45 -14.99
C SER A 67 10.46 -2.47 -15.41
N SER A 68 10.21 -1.75 -16.49
CA SER A 68 11.19 -0.79 -16.99
C SER A 68 10.62 0.58 -17.38
N ARG A 69 11.07 1.60 -16.64
CA ARG A 69 10.66 2.99 -16.84
C ARG A 69 10.70 3.46 -18.29
N SER A 70 11.76 3.10 -19.00
CA SER A 70 11.92 3.50 -20.40
C SER A 70 10.92 2.78 -21.30
N GLU A 71 10.87 1.46 -21.20
CA GLU A 71 9.95 0.67 -22.01
C GLU A 71 8.51 1.12 -21.83
N ARG A 72 8.16 1.58 -20.64
CA ARG A 72 6.80 2.03 -20.38
C ARG A 72 6.51 3.29 -21.21
N GLN A 73 7.46 4.22 -21.26
CA GLN A 73 7.27 5.43 -22.03
C GLN A 73 7.10 5.05 -23.48
N GLU A 74 8.01 4.21 -23.95
CA GLU A 74 8.00 3.70 -25.31
C GLU A 74 6.59 3.24 -25.65
N LEU A 75 5.98 2.48 -24.75
CA LEU A 75 4.64 1.95 -24.94
C LEU A 75 3.56 3.04 -25.00
N MET A 76 3.65 4.04 -24.12
CA MET A 76 2.66 5.11 -24.09
C MET A 76 2.69 5.90 -25.40
N ASN A 77 3.87 6.05 -25.98
CA ASN A 77 4.00 6.80 -27.22
C ASN A 77 3.27 6.11 -28.36
N THR A 78 3.61 4.84 -28.59
CA THR A 78 3.00 4.04 -29.64
C THR A 78 1.49 4.05 -29.49
N VAL A 79 1.04 3.66 -28.31
CA VAL A 79 -0.37 3.63 -27.96
C VAL A 79 -1.03 4.95 -28.34
N ALA A 80 -0.46 6.04 -27.86
CA ALA A 80 -0.98 7.36 -28.14
C ALA A 80 -1.00 7.64 -29.63
N ASN A 81 0.06 7.23 -30.33
CA ASN A 81 0.13 7.44 -31.77
C ASN A 81 -0.94 6.59 -32.41
N HIS A 82 -1.00 5.33 -31.97
CA HIS A 82 -1.96 4.37 -32.49
C HIS A 82 -3.39 4.89 -32.37
N PHE A 83 -3.73 5.42 -31.20
CA PHE A 83 -5.08 5.93 -30.95
C PHE A 83 -5.21 7.43 -31.19
N HIS A 84 -4.28 7.98 -31.96
CA HIS A 84 -4.29 9.40 -32.29
C HIS A 84 -4.35 10.38 -31.14
N GLY A 85 -3.79 10.00 -30.00
CA GLY A 85 -3.76 10.87 -28.84
C GLY A 85 -4.97 10.93 -27.94
N LYS A 86 -5.88 9.97 -28.09
CA LYS A 86 -7.08 9.94 -27.24
C LYS A 86 -7.24 8.56 -26.66
N LEU A 87 -7.18 8.46 -25.35
CA LEU A 87 -7.33 7.18 -24.70
C LEU A 87 -8.50 7.25 -23.74
N ASN A 88 -9.44 6.34 -23.91
CA ASN A 88 -10.61 6.29 -23.07
C ASN A 88 -10.39 5.43 -21.85
N ILE A 89 -9.85 4.24 -22.08
CA ILE A 89 -9.65 3.30 -20.98
C ILE A 89 -8.24 2.79 -20.76
N LEU A 90 -7.80 2.81 -19.49
CA LEU A 90 -6.50 2.26 -19.12
C LEU A 90 -6.83 1.25 -18.04
N VAL A 91 -6.40 0.01 -18.26
CA VAL A 91 -6.61 -1.05 -17.29
C VAL A 91 -5.23 -1.57 -16.87
N ASN A 92 -4.85 -1.27 -15.64
CA ASN A 92 -3.56 -1.72 -15.12
C ASN A 92 -3.72 -3.12 -14.51
N ASN A 93 -3.58 -4.13 -15.37
CA ASN A 93 -3.74 -5.52 -14.99
C ASN A 93 -2.46 -6.31 -14.73
N ALA A 94 -1.37 -5.96 -15.40
CA ALA A 94 -0.14 -6.73 -15.22
C ALA A 94 0.24 -6.92 -13.75
N GLY A 95 0.75 -8.10 -13.44
CA GLY A 95 1.16 -8.39 -12.08
C GLY A 95 1.84 -9.74 -11.93
N ILE A 96 2.76 -9.82 -10.97
CA ILE A 96 3.48 -11.04 -10.69
C ILE A 96 3.41 -11.32 -9.20
N VAL A 97 3.63 -12.57 -8.83
CA VAL A 97 3.60 -12.95 -7.43
C VAL A 97 4.82 -13.83 -7.14
N ILE A 98 5.48 -13.55 -6.01
CA ILE A 98 6.65 -14.29 -5.54
C ILE A 98 6.34 -14.74 -4.10
N TYR A 99 5.98 -16.02 -3.97
CA TYR A 99 5.56 -16.62 -2.72
C TYR A 99 6.58 -16.93 -1.63
N LYS A 100 7.13 -15.87 -1.06
CA LYS A 100 8.09 -16.01 0.01
C LYS A 100 7.52 -15.23 1.20
N GLU A 101 7.98 -15.54 2.40
CA GLU A 101 7.53 -14.82 3.56
C GLU A 101 8.24 -13.45 3.54
N ALA A 102 7.63 -12.46 4.15
CA ALA A 102 8.20 -11.12 4.19
C ALA A 102 9.67 -11.10 4.56
N LYS A 103 10.06 -11.93 5.52
CA LYS A 103 11.45 -11.90 5.94
C LYS A 103 12.39 -12.68 5.04
N ASP A 104 11.84 -13.45 4.10
CA ASP A 104 12.69 -14.23 3.19
C ASP A 104 12.87 -13.54 1.84
N TYR A 105 12.27 -12.36 1.69
CA TYR A 105 12.38 -11.62 0.45
C TYR A 105 13.76 -11.00 0.23
N THR A 106 14.31 -11.24 -0.96
CA THR A 106 15.60 -10.68 -1.29
C THR A 106 15.31 -9.34 -1.94
N VAL A 107 16.35 -8.55 -2.17
CA VAL A 107 16.15 -7.25 -2.79
C VAL A 107 15.65 -7.36 -4.20
N GLU A 108 16.27 -8.23 -4.99
CA GLU A 108 15.87 -8.41 -6.37
C GLU A 108 14.38 -8.66 -6.36
N ASP A 109 13.96 -9.48 -5.41
CA ASP A 109 12.57 -9.84 -5.26
C ASP A 109 11.67 -8.66 -4.97
N TYR A 110 11.96 -7.95 -3.88
CA TYR A 110 11.15 -6.81 -3.49
C TYR A 110 11.09 -5.80 -4.62
N SER A 111 12.24 -5.55 -5.24
CA SER A 111 12.32 -4.61 -6.35
C SER A 111 11.47 -5.10 -7.50
N LEU A 112 11.66 -6.35 -7.89
CA LEU A 112 10.86 -6.86 -9.01
C LEU A 112 9.36 -6.62 -8.82
N ILE A 113 8.77 -7.25 -7.80
CA ILE A 113 7.33 -7.11 -7.56
C ILE A 113 6.86 -5.66 -7.33
N MET A 114 7.60 -4.89 -6.56
CA MET A 114 7.19 -3.51 -6.32
C MET A 114 7.18 -2.76 -7.65
N SER A 115 8.16 -3.06 -8.48
CA SER A 115 8.31 -2.40 -9.78
C SER A 115 7.19 -2.68 -10.77
N ILE A 116 6.80 -3.96 -10.87
CA ILE A 116 5.74 -4.36 -11.79
C ILE A 116 4.36 -4.08 -11.17
N ASN A 117 4.16 -4.57 -9.97
CA ASN A 117 2.86 -4.42 -9.33
C ASN A 117 2.38 -3.02 -9.00
N PHE A 118 3.24 -2.18 -8.45
CA PHE A 118 2.77 -0.84 -8.10
C PHE A 118 3.39 0.30 -8.91
N GLU A 119 4.69 0.21 -9.19
CA GLU A 119 5.34 1.29 -9.92
C GLU A 119 4.80 1.50 -11.32
N ALA A 120 4.85 0.48 -12.16
CA ALA A 120 4.36 0.58 -13.54
C ALA A 120 2.90 1.05 -13.67
N ALA A 121 2.02 0.60 -12.77
CA ALA A 121 0.63 1.03 -12.85
C ALA A 121 0.56 2.54 -12.57
N TYR A 122 1.24 2.97 -11.52
CA TYR A 122 1.30 4.38 -11.15
C TYR A 122 1.89 5.17 -12.32
N HIS A 123 3.07 4.75 -12.79
CA HIS A 123 3.76 5.41 -13.90
C HIS A 123 2.94 5.48 -15.17
N LEU A 124 2.36 4.34 -15.57
CA LEU A 124 1.53 4.24 -16.77
C LEU A 124 0.28 5.12 -16.68
N SER A 125 -0.27 5.28 -15.48
CA SER A 125 -1.46 6.10 -15.33
C SER A 125 -1.12 7.56 -15.58
N VAL A 126 -0.01 8.01 -15.02
CA VAL A 126 0.44 9.39 -15.19
C VAL A 126 0.71 9.69 -16.67
N LEU A 127 1.49 8.81 -17.30
CA LEU A 127 1.86 8.96 -18.70
C LEU A 127 0.61 8.98 -19.60
N ALA A 128 -0.39 8.22 -19.21
CA ALA A 128 -1.64 8.12 -19.97
C ALA A 128 -2.54 9.32 -19.74
N HIS A 129 -2.46 9.89 -18.54
CA HIS A 129 -3.26 11.03 -18.12
C HIS A 129 -3.66 12.02 -19.23
N PRO A 130 -2.67 12.53 -19.98
CA PRO A 130 -2.93 13.48 -21.06
C PRO A 130 -3.88 13.04 -22.17
N PHE A 131 -3.82 11.77 -22.56
CA PHE A 131 -4.71 11.29 -23.62
C PHE A 131 -6.05 10.82 -23.05
N LEU A 132 -6.07 10.58 -21.75
CA LEU A 132 -7.26 10.15 -21.05
C LEU A 132 -8.13 11.40 -21.03
N LYS A 133 -7.48 12.53 -20.74
CA LYS A 133 -8.12 13.84 -20.66
C LYS A 133 -8.68 14.19 -22.05
N ALA A 134 -7.81 14.19 -23.05
CA ALA A 134 -8.18 14.49 -24.43
C ALA A 134 -9.37 13.67 -24.94
N SER A 135 -9.46 12.42 -24.51
CA SER A 135 -10.55 11.54 -24.93
C SER A 135 -11.89 12.13 -24.47
N GLU A 136 -11.84 12.85 -23.35
CA GLU A 136 -12.99 13.52 -22.76
C GLU A 136 -13.85 12.63 -21.87
N ARG A 137 -13.54 11.33 -21.83
CA ARG A 137 -14.27 10.40 -20.99
C ARG A 137 -13.32 9.30 -20.55
N GLY A 138 -12.34 9.67 -19.73
CA GLY A 138 -11.35 8.72 -19.27
C GLY A 138 -11.78 7.85 -18.12
N ASN A 139 -11.30 6.62 -18.14
CA ASN A 139 -11.60 5.63 -17.11
C ASN A 139 -10.29 4.89 -16.81
N VAL A 140 -9.94 4.81 -15.54
CA VAL A 140 -8.73 4.11 -15.14
C VAL A 140 -9.19 3.01 -14.19
N VAL A 141 -8.80 1.78 -14.48
CA VAL A 141 -9.22 0.69 -13.63
C VAL A 141 -8.02 -0.17 -13.26
N PHE A 142 -7.68 -0.11 -11.97
CA PHE A 142 -6.56 -0.87 -11.39
C PHE A 142 -7.08 -2.25 -10.95
N ILE A 143 -6.39 -3.31 -11.36
CA ILE A 143 -6.77 -4.67 -10.95
C ILE A 143 -6.02 -4.99 -9.66
N SER A 144 -6.72 -4.92 -8.54
CA SER A 144 -6.12 -5.17 -7.24
C SER A 144 -6.18 -6.65 -6.86
N SER A 145 -6.45 -6.91 -5.59
CA SER A 145 -6.55 -8.27 -5.09
C SER A 145 -7.15 -8.32 -3.69
N VAL A 146 -7.75 -9.45 -3.36
CA VAL A 146 -8.32 -9.61 -2.04
C VAL A 146 -7.16 -9.51 -1.07
N SER A 147 -5.99 -9.98 -1.51
CA SER A 147 -4.77 -9.95 -0.70
C SER A 147 -4.30 -8.51 -0.46
N GLY A 148 -4.99 -7.54 -1.05
CA GLY A 148 -4.63 -6.15 -0.87
C GLY A 148 -5.20 -5.59 0.43
N ALA A 149 -6.16 -6.31 1.02
CA ALA A 149 -6.81 -5.89 2.27
C ALA A 149 -6.68 -6.89 3.41
N LEU A 150 -6.51 -8.17 3.10
CA LEU A 150 -6.40 -9.17 4.15
C LEU A 150 -5.25 -10.15 4.00
N ALA A 151 -4.80 -10.67 5.13
CA ALA A 151 -3.70 -11.63 5.18
C ALA A 151 -3.96 -12.90 4.40
N VAL A 152 -3.03 -13.23 3.51
CA VAL A 152 -3.07 -14.45 2.69
C VAL A 152 -1.62 -14.97 2.75
N PRO A 153 -1.43 -16.28 2.90
CA PRO A 153 -0.07 -16.85 2.97
C PRO A 153 0.87 -16.57 1.79
N TYR A 154 2.12 -16.22 2.13
CA TYR A 154 3.14 -15.93 1.12
C TYR A 154 2.85 -14.69 0.30
N GLU A 155 1.81 -13.95 0.67
CA GLU A 155 1.45 -12.76 -0.08
C GLU A 155 1.50 -11.50 0.72
N ALA A 156 2.44 -11.45 1.66
CA ALA A 156 2.61 -10.28 2.52
C ALA A 156 3.09 -9.13 1.66
N VAL A 157 4.18 -9.31 0.92
CA VAL A 157 4.69 -8.23 0.08
C VAL A 157 3.79 -7.96 -1.11
N TYR A 158 3.34 -9.00 -1.79
CA TYR A 158 2.44 -8.85 -2.93
C TYR A 158 1.28 -7.98 -2.48
N GLY A 159 0.69 -8.34 -1.33
CA GLY A 159 -0.43 -7.62 -0.78
C GLY A 159 -0.11 -6.18 -0.48
N ALA A 160 1.16 -5.89 -0.18
CA ALA A 160 1.57 -4.53 0.10
C ALA A 160 1.50 -3.68 -1.18
N THR A 161 1.82 -4.30 -2.31
CA THR A 161 1.77 -3.58 -3.58
C THR A 161 0.31 -3.26 -3.96
N LYS A 162 -0.60 -4.16 -3.61
CA LYS A 162 -2.01 -3.96 -3.91
C LYS A 162 -2.62 -2.96 -2.92
N GLY A 163 -2.08 -2.92 -1.71
CA GLY A 163 -2.59 -1.97 -0.72
C GLY A 163 -2.19 -0.55 -1.11
N ALA A 164 -1.02 -0.41 -1.74
CA ALA A 164 -0.53 0.89 -2.18
C ALA A 164 -1.38 1.32 -3.38
N MET A 165 -1.56 0.39 -4.31
CA MET A 165 -2.37 0.63 -5.49
C MET A 165 -3.75 1.12 -5.06
N ASP A 166 -4.41 0.35 -4.18
CA ASP A 166 -5.75 0.66 -3.68
C ASP A 166 -5.89 2.08 -3.12
N GLN A 167 -4.87 2.55 -2.41
CA GLN A 167 -4.91 3.89 -1.84
C GLN A 167 -4.77 4.90 -2.95
N LEU A 168 -3.90 4.60 -3.90
CA LEU A 168 -3.66 5.49 -5.04
C LEU A 168 -4.93 5.59 -5.89
N THR A 169 -5.68 4.49 -5.93
CA THR A 169 -6.90 4.48 -6.72
C THR A 169 -7.83 5.53 -6.15
N ARG A 170 -8.01 5.51 -4.83
CA ARG A 170 -8.88 6.46 -4.14
C ARG A 170 -8.49 7.90 -4.39
N CYS A 171 -7.20 8.20 -4.24
CA CYS A 171 -6.71 9.57 -4.40
C CYS A 171 -6.83 10.09 -5.82
N LEU A 172 -6.43 9.27 -6.80
CA LEU A 172 -6.50 9.66 -8.21
C LEU A 172 -7.92 10.02 -8.65
N ALA A 173 -8.91 9.35 -8.08
CA ALA A 173 -10.30 9.59 -8.44
C ALA A 173 -10.66 11.03 -8.09
N PHE A 174 -9.96 11.57 -7.11
CA PHE A 174 -10.20 12.93 -6.65
C PHE A 174 -9.37 13.99 -7.34
N GLU A 175 -8.12 13.63 -7.62
CA GLU A 175 -7.19 14.53 -8.29
C GLU A 175 -7.52 14.68 -9.77
N TRP A 176 -8.07 13.63 -10.38
CA TRP A 176 -8.39 13.66 -11.80
C TRP A 176 -9.87 13.78 -12.10
N ALA A 177 -10.69 14.02 -11.09
CA ALA A 177 -12.14 14.15 -11.27
C ALA A 177 -12.53 15.33 -12.19
N LYS A 178 -11.86 16.46 -12.02
CA LYS A 178 -12.10 17.65 -12.83
C LYS A 178 -11.60 17.50 -14.27
N ASP A 179 -10.86 16.42 -14.54
CA ASP A 179 -10.31 16.14 -15.88
C ASP A 179 -11.28 15.22 -16.62
N ASN A 180 -12.38 14.89 -15.93
CA ASN A 180 -13.41 14.02 -16.46
C ASN A 180 -12.95 12.58 -16.59
N ILE A 181 -12.20 12.11 -15.59
CA ILE A 181 -11.66 10.74 -15.53
C ILE A 181 -12.17 10.06 -14.25
N ARG A 182 -12.59 8.80 -14.39
CA ARG A 182 -13.09 8.04 -13.26
C ARG A 182 -12.07 6.96 -12.93
N VAL A 183 -11.75 6.83 -11.65
CA VAL A 183 -10.75 5.85 -11.22
C VAL A 183 -11.28 4.87 -10.18
N ASN A 184 -11.18 3.59 -10.50
CA ASN A 184 -11.66 2.53 -9.61
C ASN A 184 -10.70 1.37 -9.62
N GLY A 185 -10.96 0.40 -8.75
CA GLY A 185 -10.13 -0.77 -8.68
C GLY A 185 -11.03 -1.98 -8.64
N VAL A 186 -10.57 -3.11 -9.18
CA VAL A 186 -11.35 -4.32 -9.18
C VAL A 186 -10.46 -5.39 -8.55
N GLY A 187 -10.81 -5.78 -7.34
CA GLY A 187 -10.02 -6.78 -6.63
C GLY A 187 -10.50 -8.20 -6.85
N PRO A 188 -9.81 -8.98 -7.67
CA PRO A 188 -10.21 -10.38 -7.91
C PRO A 188 -10.04 -11.24 -6.68
N GLY A 189 -10.69 -12.39 -6.66
CA GLY A 189 -10.57 -13.32 -5.54
C GLY A 189 -9.64 -14.41 -6.01
N VAL A 190 -10.21 -15.51 -6.48
CA VAL A 190 -9.44 -16.62 -7.02
C VAL A 190 -10.01 -16.89 -8.42
N ILE A 191 -9.36 -16.33 -9.43
CA ILE A 191 -9.78 -16.48 -10.82
C ILE A 191 -8.84 -17.49 -11.45
N ALA A 192 -9.39 -18.41 -12.24
CA ALA A 192 -8.59 -19.43 -12.89
C ALA A 192 -7.77 -18.83 -14.03
N THR A 193 -6.52 -18.48 -13.73
CA THR A 193 -5.63 -17.91 -14.72
C THR A 193 -4.41 -18.84 -14.76
N SER A 194 -3.45 -18.53 -15.63
CA SER A 194 -2.26 -19.36 -15.72
C SER A 194 -1.42 -19.20 -14.45
N LEU A 195 -1.53 -18.04 -13.81
CA LEU A 195 -0.82 -17.76 -12.57
C LEU A 195 -1.26 -18.77 -11.52
N VAL A 196 -2.56 -19.02 -11.48
CA VAL A 196 -3.12 -19.97 -10.54
C VAL A 196 -2.71 -21.40 -10.92
N GLU A 197 -2.80 -21.73 -12.20
CA GLU A 197 -2.44 -23.06 -12.69
C GLU A 197 -1.02 -23.41 -12.26
N MET A 198 -0.17 -22.39 -12.26
CA MET A 198 1.23 -22.50 -11.89
C MET A 198 1.33 -22.63 -10.37
N THR A 199 0.59 -21.80 -9.67
CA THR A 199 0.58 -21.77 -8.23
C THR A 199 0.20 -23.11 -7.59
N ILE A 200 -0.84 -23.75 -8.11
CA ILE A 200 -1.30 -25.02 -7.54
C ILE A 200 -0.45 -26.22 -7.92
N GLN A 201 0.65 -26.01 -8.61
CA GLN A 201 1.51 -27.12 -8.97
C GLN A 201 2.23 -27.59 -7.71
N ASP A 202 2.32 -26.71 -6.72
CA ASP A 202 2.96 -27.04 -5.44
C ASP A 202 1.90 -27.45 -4.43
N PRO A 203 1.96 -28.71 -3.96
CA PRO A 203 1.04 -29.31 -2.98
C PRO A 203 0.60 -28.43 -1.81
N GLU A 204 1.56 -27.76 -1.17
CA GLU A 204 1.25 -26.91 -0.02
C GLU A 204 0.36 -25.77 -0.46
N GLN A 205 0.70 -25.19 -1.61
CA GLN A 205 -0.08 -24.08 -2.13
C GLN A 205 -1.42 -24.54 -2.66
N LYS A 206 -1.47 -25.79 -3.16
CA LYS A 206 -2.72 -26.33 -3.66
C LYS A 206 -3.68 -26.37 -2.49
N GLU A 207 -3.12 -26.69 -1.33
CA GLU A 207 -3.87 -26.75 -0.09
C GLU A 207 -4.35 -25.35 0.27
N ASN A 208 -3.46 -24.38 0.11
CA ASN A 208 -3.81 -23.00 0.44
C ASN A 208 -4.92 -22.45 -0.44
N LEU A 209 -4.87 -22.75 -1.74
CA LEU A 209 -5.89 -22.29 -2.67
C LEU A 209 -7.25 -22.87 -2.27
N ASN A 210 -7.33 -24.19 -2.12
CA ASN A 210 -8.57 -24.84 -1.73
C ASN A 210 -9.16 -24.18 -0.48
N LYS A 211 -8.28 -23.74 0.41
CA LYS A 211 -8.69 -23.06 1.64
C LYS A 211 -9.59 -21.88 1.27
N LEU A 212 -9.12 -21.06 0.34
CA LEU A 212 -9.85 -19.89 -0.13
C LEU A 212 -11.18 -20.21 -0.81
N ILE A 213 -11.15 -21.16 -1.74
CA ILE A 213 -12.35 -21.53 -2.46
C ILE A 213 -13.42 -22.02 -1.50
N ASP A 214 -12.97 -22.75 -0.48
CA ASP A 214 -13.92 -23.28 0.49
C ASP A 214 -14.36 -22.13 1.35
N ARG A 215 -13.65 -21.02 1.24
CA ARG A 215 -13.96 -19.87 2.05
C ARG A 215 -14.83 -18.85 1.37
N CYS A 216 -15.21 -19.08 0.12
CA CYS A 216 -16.10 -18.14 -0.55
C CYS A 216 -17.48 -18.77 -0.66
N ALA A 217 -18.51 -17.92 -0.61
CA ALA A 217 -19.91 -18.35 -0.68
C ALA A 217 -20.23 -19.28 -1.82
N LEU A 218 -19.82 -18.89 -3.02
CA LEU A 218 -20.06 -19.66 -4.22
C LEU A 218 -19.13 -20.88 -4.34
N ARG A 219 -18.36 -21.14 -3.30
CA ARG A 219 -17.41 -22.26 -3.25
C ARG A 219 -16.83 -22.73 -4.59
N ARG A 220 -16.29 -21.80 -5.37
CA ARG A 220 -15.71 -22.17 -6.64
C ARG A 220 -14.85 -21.02 -7.14
N MET A 221 -14.03 -21.32 -8.14
CA MET A 221 -13.13 -20.36 -8.76
C MET A 221 -13.90 -19.55 -9.81
N GLY A 222 -13.62 -18.27 -9.87
CA GLY A 222 -14.30 -17.45 -10.86
C GLY A 222 -13.58 -17.63 -12.18
N GLU A 223 -14.15 -17.09 -13.25
CA GLU A 223 -13.53 -17.19 -14.56
C GLU A 223 -13.13 -15.82 -15.05
N PRO A 224 -12.07 -15.75 -15.87
CA PRO A 224 -11.64 -14.45 -16.39
C PRO A 224 -12.78 -13.60 -16.96
N LYS A 225 -13.73 -14.25 -17.64
CA LYS A 225 -14.84 -13.50 -18.21
C LYS A 225 -15.66 -12.84 -17.13
N GLU A 226 -15.66 -13.44 -15.95
CA GLU A 226 -16.40 -12.94 -14.79
C GLU A 226 -15.77 -11.73 -14.11
N LEU A 227 -14.46 -11.55 -14.32
CA LEU A 227 -13.73 -10.41 -13.77
C LEU A 227 -13.76 -9.31 -14.82
N ALA A 228 -13.72 -9.72 -16.07
CA ALA A 228 -13.75 -8.78 -17.18
C ALA A 228 -15.08 -8.04 -17.15
N ALA A 229 -16.15 -8.78 -16.88
CA ALA A 229 -17.50 -8.24 -16.83
C ALA A 229 -17.62 -7.02 -15.90
N MET A 230 -16.96 -7.07 -14.75
CA MET A 230 -17.03 -5.95 -13.81
C MET A 230 -16.17 -4.77 -14.28
N VAL A 231 -15.14 -5.05 -15.07
CA VAL A 231 -14.24 -4.01 -15.59
C VAL A 231 -14.91 -3.29 -16.78
N ALA A 232 -15.66 -4.02 -17.59
CA ALA A 232 -16.34 -3.44 -18.75
C ALA A 232 -17.47 -2.51 -18.34
N PHE A 233 -18.06 -2.77 -17.18
CA PHE A 233 -19.18 -1.94 -16.69
C PHE A 233 -18.75 -0.59 -16.10
N LEU A 234 -17.61 -0.58 -15.43
CA LEU A 234 -17.10 0.64 -14.83
C LEU A 234 -16.63 1.57 -15.94
N CYS A 235 -16.44 0.99 -17.13
CA CYS A 235 -16.03 1.76 -18.29
C CYS A 235 -17.25 2.24 -19.07
N PHE A 236 -18.39 1.57 -18.88
CA PHE A 236 -19.62 1.95 -19.56
C PHE A 236 -20.06 3.33 -19.09
N PRO A 237 -20.70 4.10 -19.99
CA PRO A 237 -21.18 5.43 -19.59
C PRO A 237 -22.25 5.28 -18.51
N ALA A 238 -22.84 4.10 -18.46
CA ALA A 238 -23.88 3.77 -17.50
C ALA A 238 -23.35 3.83 -16.08
N ALA A 239 -22.03 3.75 -15.93
CA ALA A 239 -21.40 3.76 -14.61
C ALA A 239 -20.78 5.12 -14.31
N SER A 240 -21.34 6.17 -14.90
CA SER A 240 -20.84 7.53 -14.75
C SER A 240 -20.63 8.08 -13.34
N TYR A 241 -21.45 7.63 -12.36
CA TYR A 241 -21.33 8.11 -10.98
C TYR A 241 -20.46 7.27 -10.05
N VAL A 242 -19.83 6.23 -10.58
CA VAL A 242 -18.96 5.35 -9.79
C VAL A 242 -17.49 5.73 -9.94
N THR A 243 -16.90 6.24 -8.86
CA THR A 243 -15.49 6.61 -8.86
C THR A 243 -14.91 6.50 -7.46
N GLY A 244 -13.68 5.99 -7.37
CA GLY A 244 -13.01 5.88 -6.07
C GLY A 244 -13.34 4.59 -5.35
N GLN A 245 -13.91 3.65 -6.09
CA GLN A 245 -14.31 2.36 -5.54
C GLN A 245 -13.30 1.23 -5.80
N ILE A 246 -13.30 0.28 -4.89
CA ILE A 246 -12.47 -0.91 -4.99
C ILE A 246 -13.53 -2.00 -4.84
N ILE A 247 -13.95 -2.59 -5.97
CA ILE A 247 -14.98 -3.62 -5.91
C ILE A 247 -14.37 -5.00 -5.97
N TYR A 248 -14.88 -5.92 -5.17
CA TYR A 248 -14.33 -7.27 -5.16
C TYR A 248 -15.18 -8.30 -5.88
N VAL A 249 -14.60 -8.94 -6.90
CA VAL A 249 -15.29 -9.97 -7.64
C VAL A 249 -14.64 -11.24 -7.10
N ASP A 250 -15.19 -11.73 -5.98
CA ASP A 250 -14.65 -12.86 -5.27
C ASP A 250 -15.59 -13.99 -4.83
N GLY A 251 -16.84 -13.97 -5.26
CA GLY A 251 -17.74 -15.04 -4.88
C GLY A 251 -18.08 -15.07 -3.40
N GLY A 252 -17.96 -13.92 -2.74
CA GLY A 252 -18.29 -13.82 -1.33
C GLY A 252 -17.09 -13.85 -0.39
N LEU A 253 -15.92 -14.13 -0.93
CA LEU A 253 -14.71 -14.20 -0.12
C LEU A 253 -14.56 -13.09 0.92
N MET A 254 -14.69 -11.84 0.49
CA MET A 254 -14.54 -10.70 1.40
C MET A 254 -15.60 -10.52 2.49
N ALA A 255 -16.73 -11.21 2.38
CA ALA A 255 -17.77 -11.08 3.41
C ALA A 255 -17.70 -12.20 4.44
N ASN A 256 -16.85 -13.19 4.21
CA ASN A 256 -16.73 -14.32 5.10
C ASN A 256 -15.84 -14.15 6.31
N CYS A 257 -16.09 -14.99 7.31
CA CYS A 257 -15.31 -15.00 8.54
C CYS A 257 -15.43 -16.40 9.14
N GLY A 258 -16.65 -16.83 9.45
CA GLY A 258 -16.82 -18.14 10.04
C GLY A 258 -17.33 -19.24 9.14
N PHE A 259 -17.56 -18.94 7.88
CA PHE A 259 -18.07 -19.96 6.95
C PHE A 259 -16.92 -20.70 6.25
N ALA B 1 7.79 -7.22 33.59
CA ALA B 1 6.78 -6.21 33.17
C ALA B 1 5.37 -6.56 33.68
N GLY B 2 4.66 -5.56 34.19
CA GLY B 2 3.33 -5.78 34.72
C GLY B 2 2.21 -5.62 33.70
N ARG B 3 1.04 -6.13 34.07
CA ARG B 3 -0.13 -6.08 33.21
C ARG B 3 -0.36 -4.73 32.54
N TRP B 4 -0.14 -3.65 33.30
CA TRP B 4 -0.34 -2.30 32.79
C TRP B 4 0.94 -1.45 32.81
N ASN B 5 2.06 -2.05 32.42
CA ASN B 5 3.30 -1.29 32.37
C ASN B 5 4.36 -2.03 31.58
N LEU B 6 5.49 -1.37 31.34
CA LEU B 6 6.58 -1.95 30.57
C LEU B 6 7.91 -2.01 31.34
N GLU B 7 7.82 -2.12 32.65
CA GLU B 7 9.00 -2.18 33.49
C GLU B 7 9.93 -3.29 33.05
N GLY B 8 11.06 -2.91 32.47
CA GLY B 8 12.02 -3.91 32.01
C GLY B 8 12.06 -4.12 30.51
N CYS B 9 10.93 -3.90 29.83
CA CYS B 9 10.89 -4.10 28.38
C CYS B 9 11.81 -3.11 27.65
N THR B 10 12.49 -3.61 26.63
CA THR B 10 13.40 -2.81 25.82
C THR B 10 12.61 -2.29 24.62
N ALA B 11 13.10 -1.26 23.95
CA ALA B 11 12.36 -0.73 22.82
C ALA B 11 13.17 0.14 21.88
N LEU B 12 12.75 0.16 20.62
CA LEU B 12 13.40 0.96 19.60
C LEU B 12 12.31 1.79 18.93
N VAL B 13 12.50 3.11 18.91
CA VAL B 13 11.54 4.02 18.29
C VAL B 13 12.27 4.86 17.26
N THR B 14 11.88 4.72 15.99
CA THR B 14 12.49 5.47 14.90
C THR B 14 11.97 6.89 14.87
N GLY B 15 12.87 7.85 14.65
CA GLY B 15 12.48 9.25 14.60
C GLY B 15 11.86 9.73 15.88
N GLY B 16 12.59 9.62 16.99
CA GLY B 16 12.05 10.06 18.26
C GLY B 16 12.57 11.41 18.69
N SER B 17 13.22 12.11 17.76
CA SER B 17 13.79 13.40 18.03
C SER B 17 12.75 14.53 18.01
N ARG B 18 11.60 14.23 17.42
CA ARG B 18 10.49 15.19 17.32
C ARG B 18 9.10 14.57 17.29
N GLY B 19 8.12 15.45 17.50
CA GLY B 19 6.71 15.08 17.47
C GLY B 19 6.21 13.83 18.15
N ILE B 20 5.57 12.99 17.35
CA ILE B 20 4.97 11.76 17.83
C ILE B 20 6.02 10.77 18.32
N GLY B 21 7.12 10.66 17.58
CA GLY B 21 8.18 9.75 17.97
C GLY B 21 8.66 10.14 19.33
N TYR B 22 8.78 11.45 19.53
CA TYR B 22 9.23 12.00 20.81
C TYR B 22 8.19 11.67 21.87
N GLY B 23 6.92 11.87 21.55
CA GLY B 23 5.85 11.58 22.50
C GLY B 23 5.87 10.11 22.89
N ILE B 24 6.26 9.25 21.96
CA ILE B 24 6.31 7.81 22.18
C ILE B 24 7.50 7.34 23.03
N VAL B 25 8.65 8.00 22.88
CA VAL B 25 9.84 7.66 23.66
C VAL B 25 9.50 7.96 25.13
N GLU B 26 8.95 9.14 25.34
CA GLU B 26 8.57 9.58 26.66
C GLU B 26 7.53 8.68 27.31
N GLU B 27 6.49 8.34 26.53
CA GLU B 27 5.43 7.47 27.06
C GLU B 27 6.00 6.13 27.54
N LEU B 28 6.75 5.44 26.70
CA LEU B 28 7.33 4.16 27.11
C LEU B 28 8.39 4.34 28.20
N ALA B 29 9.23 5.37 28.05
CA ALA B 29 10.29 5.63 29.02
C ALA B 29 9.66 5.81 30.40
N SER B 30 8.53 6.50 30.43
CA SER B 30 7.81 6.76 31.68
C SER B 30 7.10 5.53 32.23
N LEU B 31 6.82 4.55 31.37
CA LEU B 31 6.13 3.34 31.83
C LEU B 31 7.08 2.22 32.20
N GLY B 32 8.37 2.50 32.27
CA GLY B 32 9.32 1.47 32.64
C GLY B 32 10.22 0.89 31.56
N ALA B 33 9.97 1.23 30.30
CA ALA B 33 10.80 0.69 29.25
C ALA B 33 12.15 1.38 29.12
N SER B 34 13.08 0.67 28.50
CA SER B 34 14.42 1.20 28.24
C SER B 34 14.33 1.48 26.75
N VAL B 35 14.44 2.75 26.35
CA VAL B 35 14.32 3.11 24.93
C VAL B 35 15.59 3.44 24.15
N TYR B 36 15.49 3.30 22.83
CA TYR B 36 16.60 3.61 21.94
C TYR B 36 15.91 4.21 20.73
N THR B 37 16.23 5.45 20.42
CA THR B 37 15.59 6.10 19.27
C THR B 37 16.64 6.60 18.28
N CYS B 38 16.21 7.35 17.28
CA CYS B 38 17.14 7.84 16.29
C CYS B 38 16.55 8.91 15.38
N SER B 39 17.42 9.66 14.74
CA SER B 39 17.02 10.70 13.82
C SER B 39 18.24 11.00 12.98
N ARG B 40 18.17 12.00 12.12
CA ARG B 40 19.32 12.30 11.27
C ARG B 40 20.19 13.42 11.84
N ASN B 41 19.95 13.77 13.11
CA ASN B 41 20.72 14.85 13.73
C ASN B 41 21.20 14.53 15.15
N GLN B 42 22.53 14.48 15.30
CA GLN B 42 23.16 14.18 16.57
C GLN B 42 22.88 15.25 17.64
N LYS B 43 23.16 16.50 17.32
CA LYS B 43 22.94 17.57 18.27
C LYS B 43 21.50 17.59 18.77
N GLU B 44 20.55 17.28 17.89
CA GLU B 44 19.13 17.26 18.24
C GLU B 44 18.84 16.10 19.17
N LEU B 45 19.40 14.94 18.85
CA LEU B 45 19.20 13.78 19.69
C LEU B 45 19.79 14.05 21.06
N ASN B 46 20.99 14.65 21.09
CA ASN B 46 21.64 14.92 22.36
C ASN B 46 20.79 15.85 23.24
N ASP B 47 20.16 16.85 22.64
CA ASP B 47 19.31 17.75 23.42
C ASP B 47 18.08 17.00 23.91
N CYS B 48 17.73 15.92 23.21
CA CYS B 48 16.59 15.10 23.58
C CYS B 48 17.00 14.24 24.77
N LEU B 49 18.19 13.66 24.67
CA LEU B 49 18.72 12.82 25.72
C LEU B 49 18.87 13.59 27.01
N THR B 50 19.29 14.85 26.89
CA THR B 50 19.48 15.66 28.08
C THR B 50 18.17 15.84 28.82
N GLN B 51 17.11 16.06 28.05
CA GLN B 51 15.77 16.25 28.61
C GLN B 51 15.19 14.97 29.16
N TRP B 52 15.33 13.87 28.42
CA TRP B 52 14.80 12.58 28.82
C TRP B 52 15.45 11.99 30.07
N ARG B 53 16.77 12.03 30.11
CA ARG B 53 17.52 11.49 31.23
C ARG B 53 17.37 12.33 32.50
N SER B 54 16.81 13.51 32.36
CA SER B 54 16.61 14.40 33.49
C SER B 54 15.34 14.02 34.25
N LYS B 55 14.52 13.16 33.65
CA LYS B 55 13.28 12.70 34.25
C LYS B 55 13.41 11.23 34.65
N GLY B 56 14.64 10.74 34.65
CA GLY B 56 14.90 9.36 35.03
C GLY B 56 14.57 8.35 33.96
N PHE B 57 14.47 8.79 32.72
CA PHE B 57 14.17 7.88 31.64
C PHE B 57 15.40 7.10 31.25
N LYS B 58 15.24 5.82 30.97
CA LYS B 58 16.38 5.02 30.53
C LYS B 58 16.29 5.13 29.02
N VAL B 59 17.06 6.04 28.46
CA VAL B 59 17.05 6.28 27.02
C VAL B 59 18.45 6.40 26.42
N GLU B 60 18.58 6.03 25.15
CA GLU B 60 19.84 6.12 24.42
C GLU B 60 19.48 6.35 22.96
N ALA B 61 20.35 7.00 22.21
CA ALA B 61 20.05 7.24 20.79
C ALA B 61 21.29 7.43 19.94
N SER B 62 21.10 7.43 18.63
CA SER B 62 22.21 7.62 17.71
C SER B 62 21.74 7.93 16.30
N VAL B 63 22.42 8.90 15.67
CA VAL B 63 22.13 9.38 14.31
C VAL B 63 22.00 8.24 13.29
N CYS B 64 20.95 8.27 12.48
CA CYS B 64 20.74 7.25 11.45
C CYS B 64 19.81 7.71 10.35
N ASP B 65 20.20 7.51 9.10
CA ASP B 65 19.35 7.90 7.98
C ASP B 65 18.62 6.66 7.52
N LEU B 66 17.35 6.56 7.88
CA LEU B 66 16.55 5.40 7.53
C LEU B 66 16.32 5.24 6.03
N SER B 67 16.70 6.24 5.25
CA SER B 67 16.52 6.14 3.80
C SER B 67 17.64 5.31 3.21
N SER B 68 18.63 4.98 4.04
CA SER B 68 19.78 4.19 3.61
C SER B 68 19.72 2.77 4.16
N ARG B 69 19.76 1.79 3.25
CA ARG B 69 19.69 0.39 3.62
C ARG B 69 20.83 -0.03 4.54
N SER B 70 22.06 0.28 4.12
CA SER B 70 23.25 -0.08 4.88
C SER B 70 23.25 0.47 6.30
N GLU B 71 22.72 1.68 6.48
CA GLU B 71 22.68 2.29 7.81
C GLU B 71 21.73 1.54 8.72
N ARG B 72 20.52 1.26 8.23
CA ARG B 72 19.52 0.56 9.01
C ARG B 72 20.12 -0.73 9.56
N GLN B 73 21.00 -1.35 8.77
CA GLN B 73 21.65 -2.60 9.20
C GLN B 73 22.55 -2.29 10.40
N GLU B 74 23.31 -1.21 10.28
CA GLU B 74 24.21 -0.82 11.35
C GLU B 74 23.40 -0.48 12.59
N LEU B 75 22.27 0.19 12.40
CA LEU B 75 21.42 0.54 13.52
C LEU B 75 20.99 -0.70 14.30
N MET B 76 20.50 -1.70 13.59
CA MET B 76 20.05 -2.93 14.23
C MET B 76 21.13 -3.65 15.02
N ASN B 77 22.36 -3.64 14.51
CA ASN B 77 23.46 -4.29 15.21
C ASN B 77 23.72 -3.59 16.54
N THR B 78 23.87 -2.27 16.47
CA THR B 78 24.14 -1.48 17.66
C THR B 78 23.05 -1.65 18.72
N VAL B 79 21.79 -1.46 18.33
CA VAL B 79 20.67 -1.60 19.26
C VAL B 79 20.65 -3.00 19.88
N ALA B 80 21.01 -3.98 19.06
CA ALA B 80 21.03 -5.37 19.49
C ALA B 80 22.03 -5.58 20.59
N ASN B 81 23.24 -5.07 20.38
CA ASN B 81 24.29 -5.21 21.36
C ASN B 81 23.87 -4.45 22.60
N HIS B 82 23.31 -3.26 22.37
CA HIS B 82 22.85 -2.42 23.46
C HIS B 82 21.84 -3.16 24.34
N PHE B 83 20.88 -3.83 23.71
CA PHE B 83 19.86 -4.55 24.45
C PHE B 83 20.21 -6.03 24.64
N HIS B 84 21.46 -6.38 24.37
CA HIS B 84 21.88 -7.75 24.54
C HIS B 84 21.03 -8.70 23.71
N GLY B 85 20.81 -8.36 22.45
CA GLY B 85 20.04 -9.21 21.57
C GLY B 85 18.60 -9.50 21.99
N LYS B 86 17.98 -8.59 22.74
CA LYS B 86 16.61 -8.78 23.18
C LYS B 86 15.82 -7.49 23.06
N LEU B 87 14.87 -7.47 22.12
CA LEU B 87 14.04 -6.31 21.89
C LEU B 87 12.56 -6.71 21.96
N ASN B 88 11.82 -6.05 22.86
CA ASN B 88 10.40 -6.33 23.08
C ASN B 88 9.50 -5.47 22.20
N ILE B 89 9.94 -4.25 21.93
CA ILE B 89 9.15 -3.32 21.14
C ILE B 89 9.90 -2.62 20.01
N LEU B 90 9.23 -2.54 18.88
CA LEU B 90 9.76 -1.86 17.71
C LEU B 90 8.65 -0.92 17.26
N VAL B 91 8.88 0.38 17.37
CA VAL B 91 7.88 1.33 16.93
C VAL B 91 8.39 1.99 15.66
N ASN B 92 7.82 1.59 14.53
CA ASN B 92 8.19 2.12 13.24
C ASN B 92 7.46 3.44 12.99
N ASN B 93 8.00 4.53 13.53
CA ASN B 93 7.38 5.84 13.43
C ASN B 93 7.91 6.80 12.37
N ALA B 94 9.22 6.81 12.15
CA ALA B 94 9.80 7.72 11.16
C ALA B 94 9.02 7.75 9.86
N GLY B 95 8.78 8.96 9.35
CA GLY B 95 8.06 9.10 8.11
C GLY B 95 8.16 10.53 7.63
N ILE B 96 8.14 10.73 6.32
CA ILE B 96 8.21 12.08 5.77
C ILE B 96 7.05 12.29 4.81
N VAL B 97 6.80 13.53 4.43
CA VAL B 97 5.71 13.86 3.53
C VAL B 97 6.23 14.74 2.41
N ILE B 98 5.68 14.57 1.22
CA ILE B 98 6.05 15.41 0.07
C ILE B 98 4.74 15.82 -0.60
N TYR B 99 4.31 17.04 -0.32
CA TYR B 99 3.07 17.57 -0.86
C TYR B 99 3.14 17.99 -2.31
N LYS B 100 2.68 17.10 -3.19
CA LYS B 100 2.67 17.35 -4.63
C LYS B 100 1.55 16.49 -5.15
N GLU B 101 1.10 16.77 -6.36
CA GLU B 101 0.06 15.97 -6.93
C GLU B 101 0.69 14.69 -7.44
N ALA B 102 -0.11 13.65 -7.64
CA ALA B 102 0.38 12.37 -8.11
C ALA B 102 1.29 12.51 -9.34
N LYS B 103 0.79 13.18 -10.36
CA LYS B 103 1.54 13.36 -11.60
C LYS B 103 2.74 14.30 -11.52
N ASP B 104 2.88 15.03 -10.41
CA ASP B 104 4.00 15.97 -10.28
C ASP B 104 5.23 15.40 -9.54
N TYR B 105 5.19 14.12 -9.19
CA TYR B 105 6.27 13.46 -8.46
C TYR B 105 7.49 13.06 -9.28
N THR B 106 8.68 13.44 -8.81
CA THR B 106 9.93 13.08 -9.48
C THR B 106 10.39 11.74 -8.94
N VAL B 107 11.12 11.01 -9.76
CA VAL B 107 11.65 9.71 -9.38
C VAL B 107 12.38 9.89 -8.06
N GLU B 108 12.85 11.10 -7.81
CA GLU B 108 13.57 11.40 -6.58
C GLU B 108 12.62 11.45 -5.40
N ASP B 109 11.49 12.15 -5.57
CA ASP B 109 10.51 12.26 -4.51
C ASP B 109 10.02 10.88 -4.15
N TYR B 110 9.47 10.21 -5.13
CA TYR B 110 8.91 8.87 -4.98
C TYR B 110 9.86 7.87 -4.32
N SER B 111 11.11 7.85 -4.79
CA SER B 111 12.09 6.92 -4.23
C SER B 111 12.45 7.24 -2.77
N LEU B 112 12.48 8.52 -2.44
CA LEU B 112 12.79 8.96 -1.10
C LEU B 112 11.66 8.57 -0.16
N ILE B 113 10.46 9.06 -0.44
CA ILE B 113 9.31 8.78 0.41
C ILE B 113 9.04 7.29 0.59
N MET B 114 9.31 6.50 -0.44
CA MET B 114 9.07 5.05 -0.35
C MET B 114 10.09 4.28 0.47
N SER B 115 11.33 4.76 0.47
CA SER B 115 12.39 4.10 1.20
C SER B 115 12.25 4.37 2.68
N ILE B 116 11.97 5.62 2.99
CA ILE B 116 11.81 6.06 4.36
C ILE B 116 10.51 5.57 5.01
N ASN B 117 9.38 5.90 4.39
CA ASN B 117 8.06 5.54 4.92
C ASN B 117 7.62 4.08 4.91
N PHE B 118 8.06 3.31 3.92
CA PHE B 118 7.66 1.91 3.86
C PHE B 118 8.86 0.95 3.94
N GLU B 119 9.74 1.04 2.95
CA GLU B 119 10.95 0.21 2.88
C GLU B 119 11.63 0.08 4.23
N ALA B 120 11.95 1.23 4.81
CA ALA B 120 12.64 1.29 6.08
C ALA B 120 11.88 0.56 7.19
N ALA B 121 10.56 0.73 7.23
CA ALA B 121 9.75 0.10 8.24
C ALA B 121 9.74 -1.39 8.04
N TYR B 122 9.57 -1.80 6.78
CA TYR B 122 9.55 -3.21 6.42
C TYR B 122 10.91 -3.77 6.78
N HIS B 123 11.95 -3.14 6.25
CA HIS B 123 13.34 -3.56 6.49
C HIS B 123 13.72 -3.70 7.96
N LEU B 124 13.49 -2.66 8.76
CA LEU B 124 13.85 -2.72 10.18
C LEU B 124 13.12 -3.87 10.87
N SER B 125 11.83 -4.02 10.58
CA SER B 125 11.01 -5.07 11.15
C SER B 125 11.72 -6.41 11.04
N VAL B 126 12.08 -6.74 9.80
CA VAL B 126 12.76 -7.98 9.50
C VAL B 126 14.11 -8.10 10.22
N LEU B 127 14.86 -7.01 10.32
CA LEU B 127 16.15 -7.04 10.99
C LEU B 127 15.97 -7.28 12.48
N ALA B 128 14.89 -6.73 13.02
CA ALA B 128 14.59 -6.82 14.44
C ALA B 128 13.94 -8.13 14.82
N HIS B 129 13.40 -8.83 13.83
CA HIS B 129 12.71 -10.08 14.06
C HIS B 129 13.38 -11.09 14.97
N PRO B 130 14.64 -11.48 14.67
CA PRO B 130 15.31 -12.46 15.53
C PRO B 130 15.45 -12.02 16.99
N PHE B 131 15.50 -10.71 17.22
CA PHE B 131 15.66 -10.16 18.57
C PHE B 131 14.32 -10.08 19.28
N LEU B 132 13.26 -9.86 18.51
CA LEU B 132 11.91 -9.77 19.06
C LEU B 132 11.47 -11.15 19.53
N LYS B 133 11.86 -12.17 18.75
CA LYS B 133 11.52 -13.54 19.05
C LYS B 133 12.29 -13.95 20.30
N ALA B 134 13.59 -13.72 20.30
CA ALA B 134 14.44 -14.04 21.44
C ALA B 134 13.94 -13.36 22.70
N SER B 135 13.27 -12.22 22.54
CA SER B 135 12.72 -11.53 23.69
C SER B 135 11.62 -12.39 24.30
N GLU B 136 11.02 -13.25 23.46
CA GLU B 136 9.95 -14.17 23.85
C GLU B 136 8.62 -13.47 24.08
N ARG B 137 8.56 -12.19 23.77
CA ARG B 137 7.35 -11.39 23.92
C ARG B 137 7.54 -10.10 23.11
N GLY B 138 7.60 -10.26 21.79
CA GLY B 138 7.79 -9.12 20.91
C GLY B 138 6.55 -8.40 20.49
N ASN B 139 6.72 -7.11 20.17
CA ASN B 139 5.62 -6.28 19.73
C ASN B 139 6.18 -5.36 18.66
N VAL B 140 5.47 -5.24 17.55
CA VAL B 140 5.86 -4.36 16.44
C VAL B 140 4.68 -3.44 16.27
N VAL B 141 4.92 -2.13 16.27
CA VAL B 141 3.83 -1.19 16.08
C VAL B 141 4.22 -0.26 14.94
N PHE B 142 3.37 -0.18 13.92
CA PHE B 142 3.66 0.70 12.80
C PHE B 142 2.80 1.94 12.95
N ILE B 143 3.39 3.10 12.68
CA ILE B 143 2.62 4.34 12.78
C ILE B 143 2.15 4.69 11.36
N SER B 144 0.88 4.43 11.11
CA SER B 144 0.29 4.67 9.82
C SER B 144 -0.28 6.08 9.69
N SER B 145 -1.47 6.16 9.10
CA SER B 145 -2.14 7.43 8.89
C SER B 145 -3.54 7.22 8.34
N VAL B 146 -4.41 8.19 8.57
CA VAL B 146 -5.77 8.13 8.07
C VAL B 146 -5.64 8.23 6.55
N SER B 147 -4.54 8.85 6.11
CA SER B 147 -4.23 9.05 4.71
C SER B 147 -3.83 7.78 3.96
N GLY B 148 -3.85 6.65 4.65
CA GLY B 148 -3.52 5.38 4.00
C GLY B 148 -4.77 4.56 3.76
N ALA B 149 -5.92 5.16 4.06
CA ALA B 149 -7.20 4.51 3.89
C ALA B 149 -8.20 5.43 3.19
N LEU B 150 -7.98 6.74 3.32
CA LEU B 150 -8.85 7.74 2.73
C LEU B 150 -8.03 8.81 2.02
N ALA B 151 -8.58 9.33 0.92
CA ALA B 151 -7.91 10.36 0.12
C ALA B 151 -7.76 11.71 0.83
N VAL B 152 -6.60 12.32 0.65
CA VAL B 152 -6.27 13.62 1.22
C VAL B 152 -5.40 14.31 0.17
N PRO B 153 -5.52 15.64 0.04
CA PRO B 153 -4.73 16.41 -0.95
C PRO B 153 -3.20 16.38 -0.78
N TYR B 154 -2.48 16.04 -1.85
CA TYR B 154 -1.00 15.98 -1.85
C TYR B 154 -0.40 14.81 -1.08
N GLU B 155 -1.24 13.86 -0.71
CA GLU B 155 -0.79 12.70 0.04
C GLU B 155 -1.13 11.37 -0.64
N ALA B 156 -1.25 11.38 -1.96
CA ALA B 156 -1.56 10.16 -2.72
C ALA B 156 -0.41 9.16 -2.58
N VAL B 157 0.81 9.59 -2.91
CA VAL B 157 1.96 8.68 -2.81
C VAL B 157 2.25 8.39 -1.35
N TYR B 158 2.08 9.41 -0.49
CA TYR B 158 2.32 9.24 0.93
C TYR B 158 1.31 8.27 1.53
N GLY B 159 0.09 8.26 0.99
CA GLY B 159 -0.93 7.35 1.48
C GLY B 159 -0.63 5.99 0.92
N ALA B 160 -0.08 5.98 -0.29
CA ALA B 160 0.27 4.75 -0.96
C ALA B 160 1.30 3.98 -0.13
N THR B 161 2.20 4.71 0.54
CA THR B 161 3.23 4.08 1.35
C THR B 161 2.65 3.59 2.68
N LYS B 162 1.63 4.29 3.17
CA LYS B 162 0.99 3.91 4.44
C LYS B 162 -0.03 2.79 4.19
N GLY B 163 -0.59 2.75 2.99
CA GLY B 163 -1.53 1.70 2.67
C GLY B 163 -0.74 0.40 2.48
N ALA B 164 0.50 0.50 2.02
CA ALA B 164 1.32 -0.68 1.82
C ALA B 164 1.69 -1.22 3.20
N MET B 165 2.12 -0.32 4.07
CA MET B 165 2.51 -0.66 5.43
C MET B 165 1.39 -1.38 6.21
N ASP B 166 0.16 -0.93 6.04
CA ASP B 166 -0.96 -1.57 6.74
C ASP B 166 -1.20 -3.01 6.28
N GLN B 167 -1.01 -3.29 5.01
CA GLN B 167 -1.20 -4.66 4.55
C GLN B 167 -0.05 -5.49 5.12
N LEU B 168 1.11 -4.86 5.20
CA LEU B 168 2.28 -5.50 5.75
C LEU B 168 1.95 -5.90 7.20
N THR B 169 1.41 -4.93 7.96
CA THR B 169 1.03 -5.12 9.35
C THR B 169 0.14 -6.34 9.48
N ARG B 170 -0.92 -6.37 8.68
CA ARG B 170 -1.86 -7.48 8.70
C ARG B 170 -1.22 -8.83 8.45
N CYS B 171 -0.45 -8.94 7.37
CA CYS B 171 0.20 -10.20 7.03
C CYS B 171 1.21 -10.67 8.09
N LEU B 172 2.03 -9.75 8.59
CA LEU B 172 3.05 -10.06 9.60
C LEU B 172 2.44 -10.60 10.89
N ALA B 173 1.23 -10.15 11.23
CA ALA B 173 0.54 -10.59 12.43
C ALA B 173 0.33 -12.09 12.36
N PHE B 174 0.14 -12.59 11.15
CA PHE B 174 -0.10 -14.01 10.92
C PHE B 174 1.14 -14.84 10.68
N GLU B 175 2.19 -14.21 10.17
CA GLU B 175 3.42 -14.95 9.90
C GLU B 175 4.30 -15.03 11.13
N TRP B 176 4.17 -14.05 12.01
CA TRP B 176 4.98 -13.99 13.22
C TRP B 176 4.23 -14.36 14.50
N ALA B 177 2.98 -14.77 14.38
CA ALA B 177 2.20 -15.14 15.55
C ALA B 177 2.87 -16.25 16.35
N LYS B 178 3.44 -17.22 15.63
CA LYS B 178 4.11 -18.38 16.24
C LYS B 178 5.42 -17.99 16.88
N ASP B 179 5.89 -16.77 16.61
CA ASP B 179 7.15 -16.28 17.16
C ASP B 179 6.92 -15.42 18.41
N ASN B 180 5.68 -15.40 18.89
CA ASN B 180 5.26 -14.62 20.07
C ASN B 180 5.18 -13.13 19.79
N ILE B 181 5.13 -12.77 18.51
CA ILE B 181 5.09 -11.38 18.15
C ILE B 181 3.73 -10.89 17.68
N ARG B 182 3.18 -9.92 18.41
CA ARG B 182 1.91 -9.29 18.07
C ARG B 182 2.28 -8.09 17.22
N VAL B 183 1.53 -7.87 16.15
CA VAL B 183 1.81 -6.77 15.21
C VAL B 183 0.57 -5.89 15.01
N ASN B 184 0.70 -4.60 15.28
CA ASN B 184 -0.41 -3.67 15.14
C ASN B 184 -0.02 -2.33 14.53
N GLY B 185 -0.99 -1.65 13.92
CA GLY B 185 -0.73 -0.35 13.34
C GLY B 185 -1.53 0.70 14.06
N VAL B 186 -1.09 1.95 14.00
CA VAL B 186 -1.82 3.02 14.65
C VAL B 186 -1.88 4.16 13.66
N GLY B 187 -3.08 4.46 13.16
CA GLY B 187 -3.24 5.52 12.20
C GLY B 187 -3.60 6.85 12.83
N PRO B 188 -2.64 7.77 12.99
CA PRO B 188 -3.01 9.06 13.60
C PRO B 188 -3.84 9.91 12.65
N GLY B 189 -4.61 10.84 13.22
CA GLY B 189 -5.41 11.73 12.40
C GLY B 189 -4.56 12.97 12.17
N VAL B 190 -4.80 14.01 12.93
CA VAL B 190 -4.01 15.22 12.83
C VAL B 190 -3.53 15.46 14.25
N ILE B 191 -2.22 15.36 14.43
CA ILE B 191 -1.60 15.54 15.75
C ILE B 191 -0.64 16.70 15.62
N ALA B 192 -0.61 17.57 16.62
CA ALA B 192 0.25 18.75 16.57
C ALA B 192 1.75 18.45 16.64
N THR B 193 2.39 18.36 15.47
CA THR B 193 3.84 18.09 15.37
C THR B 193 4.57 19.10 14.51
N SER B 194 5.89 18.97 14.50
CA SER B 194 6.74 19.84 13.70
C SER B 194 6.39 19.68 12.22
N LEU B 195 5.95 18.48 11.84
CA LEU B 195 5.60 18.21 10.46
C LEU B 195 4.35 19.01 10.10
N VAL B 196 3.35 18.97 10.99
CA VAL B 196 2.11 19.72 10.79
C VAL B 196 2.45 21.21 10.81
N GLU B 197 3.41 21.58 11.65
CA GLU B 197 3.82 22.98 11.76
C GLU B 197 4.35 23.51 10.42
N MET B 198 5.40 22.90 9.90
CA MET B 198 5.97 23.32 8.62
C MET B 198 4.87 23.40 7.57
N THR B 199 3.86 22.54 7.73
CA THR B 199 2.73 22.48 6.81
C THR B 199 1.88 23.75 6.77
N ILE B 200 1.34 24.14 7.91
CA ILE B 200 0.50 25.32 7.98
C ILE B 200 1.24 26.62 7.60
N GLN B 201 2.51 26.49 7.23
CA GLN B 201 3.26 27.66 6.82
C GLN B 201 2.69 28.03 5.46
N ASP B 202 2.08 27.05 4.81
CA ASP B 202 1.45 27.25 3.50
C ASP B 202 -0.04 27.57 3.64
N PRO B 203 -0.47 28.74 3.12
CA PRO B 203 -1.85 29.20 3.17
C PRO B 203 -2.87 28.20 2.60
N GLU B 204 -2.41 27.31 1.73
CA GLU B 204 -3.30 26.33 1.14
C GLU B 204 -3.40 25.09 2.02
N GLN B 205 -2.24 24.60 2.46
CA GLN B 205 -2.19 23.42 3.32
C GLN B 205 -2.82 23.73 4.68
N LYS B 206 -2.75 24.99 5.09
CA LYS B 206 -3.33 25.39 6.34
C LYS B 206 -4.85 25.35 6.19
N GLU B 207 -5.34 25.82 5.05
CA GLU B 207 -6.78 25.83 4.79
C GLU B 207 -7.25 24.40 4.70
N ASN B 208 -6.40 23.55 4.13
CA ASN B 208 -6.71 22.13 3.98
C ASN B 208 -6.69 21.44 5.32
N LEU B 209 -5.87 21.94 6.23
CA LEU B 209 -5.76 21.33 7.55
C LEU B 209 -6.97 21.65 8.41
N ASN B 210 -7.45 22.89 8.35
CA ASN B 210 -8.59 23.28 9.16
C ASN B 210 -9.85 22.56 8.70
N LYS B 211 -9.83 22.07 7.47
CA LYS B 211 -10.94 21.31 6.91
C LYS B 211 -11.00 20.00 7.70
N LEU B 212 -9.82 19.43 7.90
CA LEU B 212 -9.66 18.17 8.62
C LEU B 212 -10.10 18.25 10.05
N ILE B 213 -9.66 19.29 10.75
CA ILE B 213 -10.01 19.46 12.15
C ILE B 213 -11.51 19.67 12.28
N ASP B 214 -12.10 20.27 11.25
CA ASP B 214 -13.52 20.54 11.25
C ASP B 214 -14.31 19.28 11.02
N ARG B 215 -13.70 18.33 10.31
CA ARG B 215 -14.37 17.08 10.02
C ARG B 215 -14.22 16.10 11.16
N CYS B 216 -13.58 16.57 12.24
CA CYS B 216 -13.35 15.80 13.47
C CYS B 216 -14.59 15.85 14.36
N ALA B 217 -14.72 14.89 15.28
CA ALA B 217 -15.82 14.87 16.23
C ALA B 217 -15.39 15.80 17.35
N LEU B 218 -14.09 15.73 17.67
CA LEU B 218 -13.49 16.56 18.70
C LEU B 218 -13.18 17.95 18.13
N ARG B 219 -12.95 18.03 16.83
CA ARG B 219 -12.69 19.30 16.16
C ARG B 219 -11.50 20.05 16.71
N ARG B 220 -10.40 19.33 16.87
CA ARG B 220 -9.18 19.90 17.38
C ARG B 220 -8.07 18.93 17.06
N MET B 221 -6.83 19.39 17.15
CA MET B 221 -5.70 18.54 16.86
C MET B 221 -5.36 17.70 18.08
N GLY B 222 -4.69 16.59 17.84
CA GLY B 222 -4.30 15.74 18.94
C GLY B 222 -2.93 16.15 19.47
N GLU B 223 -2.57 15.58 20.60
CA GLU B 223 -1.29 15.86 21.22
C GLU B 223 -0.42 14.61 21.10
N PRO B 224 0.86 14.79 20.72
CA PRO B 224 1.79 13.67 20.59
C PRO B 224 1.57 12.57 21.62
N LYS B 225 1.13 12.94 22.81
CA LYS B 225 0.88 11.96 23.87
C LYS B 225 -0.47 11.24 23.80
N GLU B 226 -1.45 11.81 23.11
CA GLU B 226 -2.77 11.15 23.00
C GLU B 226 -2.56 9.99 22.05
N LEU B 227 -1.65 10.20 21.10
CA LEU B 227 -1.32 9.17 20.12
C LEU B 227 -0.45 8.14 20.80
N ALA B 228 0.60 8.61 21.47
CA ALA B 228 1.53 7.72 22.15
C ALA B 228 0.87 6.80 23.18
N ALA B 229 -0.25 7.23 23.75
CA ALA B 229 -0.97 6.43 24.74
C ALA B 229 -1.52 5.14 24.14
N MET B 230 -1.94 5.20 22.87
CA MET B 230 -2.47 4.03 22.19
C MET B 230 -1.32 3.08 21.86
N VAL B 231 -0.20 3.66 21.45
CA VAL B 231 0.98 2.86 21.13
C VAL B 231 1.44 2.12 22.38
N ALA B 232 1.43 2.81 23.52
CA ALA B 232 1.87 2.19 24.76
C ALA B 232 0.97 1.03 25.17
N PHE B 233 -0.34 1.26 25.18
CA PHE B 233 -1.27 0.19 25.56
C PHE B 233 -1.05 -1.08 24.75
N LEU B 234 -0.91 -0.91 23.44
CA LEU B 234 -0.71 -2.04 22.56
C LEU B 234 0.52 -2.85 22.92
N CYS B 235 1.43 -2.27 23.72
CA CYS B 235 2.66 -2.97 24.14
C CYS B 235 2.56 -3.67 25.50
N PHE B 236 1.57 -3.30 26.31
CA PHE B 236 1.39 -3.92 27.61
C PHE B 236 1.04 -5.38 27.42
N PRO B 237 1.28 -6.19 28.45
CA PRO B 237 0.96 -7.61 28.34
C PRO B 237 -0.55 -7.73 28.38
N ALA B 238 -1.22 -6.62 28.68
CA ALA B 238 -2.68 -6.59 28.75
C ALA B 238 -3.35 -6.68 27.37
N ALA B 239 -2.65 -6.24 26.33
CA ALA B 239 -3.15 -6.26 24.96
C ALA B 239 -2.80 -7.56 24.26
N SER B 240 -2.63 -8.61 25.05
CA SER B 240 -2.26 -9.93 24.53
C SER B 240 -3.11 -10.51 23.39
N TYR B 241 -4.42 -10.29 23.41
CA TYR B 241 -5.27 -10.83 22.35
C TYR B 241 -5.42 -9.88 21.15
N VAL B 242 -4.75 -8.73 21.21
CA VAL B 242 -4.85 -7.75 20.14
C VAL B 242 -3.74 -7.82 19.11
N THR B 243 -4.07 -8.30 17.92
CA THR B 243 -3.07 -8.39 16.88
C THR B 243 -3.66 -8.20 15.50
N GLY B 244 -2.81 -7.77 14.58
CA GLY B 244 -3.24 -7.57 13.20
C GLY B 244 -4.21 -6.42 13.02
N GLN B 245 -4.36 -5.60 14.05
CA GLN B 245 -5.29 -4.47 13.99
C GLN B 245 -4.66 -3.12 13.63
N ILE B 246 -5.42 -2.31 12.91
CA ILE B 246 -5.00 -0.97 12.51
C ILE B 246 -5.95 -0.04 13.26
N ILE B 247 -5.44 0.67 14.25
CA ILE B 247 -6.30 1.55 15.05
C ILE B 247 -6.01 3.04 14.85
N TYR B 248 -7.07 3.83 14.68
CA TYR B 248 -6.91 5.26 14.48
C TYR B 248 -7.19 6.13 15.69
N VAL B 249 -6.29 7.08 15.94
CA VAL B 249 -6.44 8.03 17.03
C VAL B 249 -6.56 9.34 16.27
N ASP B 250 -7.79 9.65 15.87
CA ASP B 250 -8.10 10.81 15.06
C ASP B 250 -9.22 11.68 15.58
N GLY B 251 -9.62 11.48 16.82
CA GLY B 251 -10.68 12.29 17.37
C GLY B 251 -11.95 12.09 16.58
N GLY B 252 -12.12 10.88 16.06
CA GLY B 252 -13.31 10.53 15.31
C GLY B 252 -13.37 10.82 13.81
N LEU B 253 -12.30 11.36 13.23
CA LEU B 253 -12.27 11.71 11.81
C LEU B 253 -12.48 10.57 10.80
N MET B 254 -12.27 9.33 11.21
CA MET B 254 -12.46 8.19 10.31
C MET B 254 -13.93 7.81 10.24
N ALA B 255 -14.67 8.10 11.29
CA ALA B 255 -16.08 7.74 11.37
C ALA B 255 -16.99 8.79 10.72
N ASN B 256 -16.40 9.89 10.29
CA ASN B 256 -17.17 10.98 9.69
C ASN B 256 -17.43 10.89 8.19
N CYS B 257 -18.50 11.56 7.76
CA CYS B 257 -18.86 11.62 6.35
C CYS B 257 -19.57 12.93 6.06
N GLY B 258 -20.67 13.20 6.76
CA GLY B 258 -21.40 14.43 6.52
C GLY B 258 -21.41 15.48 7.62
N PHE B 259 -20.63 15.28 8.68
CA PHE B 259 -20.54 16.23 9.80
C PHE B 259 -19.45 17.29 9.55
#